data_4IW9
#
_entry.id   4IW9
#
_cell.length_a   65.942
_cell.length_b   81.524
_cell.length_c   287.740
_cell.angle_alpha   90.00
_cell.angle_beta   90.00
_cell.angle_gamma   90.00
#
_symmetry.space_group_name_H-M   'C 2 2 21'
#
loop_
_entity.id
_entity.type
_entity.pdbx_description
1 polymer 'Glutathione transferase'
2 non-polymer GLUTATHIONE
3 non-polymer 'ACETATE ION'
4 non-polymer 'TRIETHYLENE GLYCOL'
5 non-polymer 'CHLORIDE ION'
6 water water
#
_entity_poly.entity_id   1
_entity_poly.type   'polypeptide(L)'
_entity_poly.pdbx_seq_one_letter_code
;MHHHHHHSSGVDLGTENLYFQSMKLYGLTGACSFVPHVALEWVKLRANQDYAFQAVSREFIKSAEYLALNPRGNVPLLVD
GDLALTQNQAIVHYLDELYPEAKLFGSKTARDKAKAARWLAFFNSDVHKSFVPLFRLPSYAEGNETLTKTIRQQSAEQIL
EQLAFANAHLENHIFFGEEISVADAYLYIMLNWCRLLGLDFSHLSQLSAFMQRVEADQGVDNVREQEGLKG
;
_entity_poly.pdbx_strand_id   A,B,C
#
# COMPACT_ATOMS: atom_id res chain seq x y z
N SER A 22 5.95 19.58 -15.66
CA SER A 22 6.84 18.62 -16.32
C SER A 22 7.32 17.54 -15.34
N MET A 23 7.32 16.31 -15.78
CA MET A 23 7.67 15.21 -14.90
C MET A 23 9.15 15.15 -14.65
N LYS A 24 9.51 14.68 -13.49
CA LYS A 24 10.89 14.44 -13.08
C LYS A 24 11.14 13.00 -12.66
N LEU A 25 12.18 12.39 -13.20
CA LEU A 25 12.62 11.07 -12.78
C LEU A 25 13.92 11.14 -11.99
N TYR A 26 13.89 10.55 -10.79
CA TYR A 26 15.08 10.25 -10.01
C TYR A 26 15.57 8.83 -10.35
N GLY A 27 16.83 8.73 -10.75
CA GLY A 27 17.44 7.46 -11.10
C GLY A 27 18.91 7.36 -10.73
N LEU A 28 19.35 6.14 -10.50
CA LEU A 28 20.78 5.77 -10.43
C LEU A 28 21.22 5.41 -11.83
N THR A 29 22.26 6.07 -12.32
CA THR A 29 22.72 5.80 -13.67
C THR A 29 23.08 4.32 -13.83
N GLY A 30 22.59 3.73 -14.91
CA GLY A 30 22.85 2.34 -15.24
C GLY A 30 22.08 1.30 -14.45
N ALA A 31 21.21 1.75 -13.55
CA ALA A 31 20.42 0.84 -12.69
C ALA A 31 19.06 0.61 -13.34
N CYS A 32 18.17 -0.06 -12.64
CA CYS A 32 16.87 -0.40 -13.19
C CYS A 32 16.04 0.83 -13.62
N SER A 33 16.31 1.98 -12.99
CA SER A 33 15.65 3.25 -13.35
C SER A 33 15.96 3.74 -14.81
N PHE A 34 16.97 3.15 -15.46
CA PHE A 34 17.17 3.24 -16.89
C PHE A 34 15.87 3.00 -17.69
N VAL A 35 15.04 2.07 -17.26
CA VAL A 35 13.89 1.69 -18.03
C VAL A 35 12.83 2.80 -18.08
N PRO A 36 12.42 3.35 -16.93
CA PRO A 36 11.50 4.49 -17.01
C PRO A 36 12.14 5.74 -17.65
N HIS A 37 13.47 5.82 -17.56
CA HIS A 37 14.19 6.90 -18.24
C HIS A 37 14.01 6.76 -19.76
N VAL A 38 14.22 5.55 -20.31
CA VAL A 38 13.93 5.28 -21.69
C VAL A 38 12.46 5.56 -22.06
N ALA A 39 11.52 5.13 -21.21
CA ALA A 39 10.10 5.38 -21.44
C ALA A 39 9.85 6.87 -21.59
N LEU A 40 10.40 7.67 -20.69
CA LEU A 40 10.23 9.13 -20.73
C LEU A 40 10.83 9.77 -22.00
N GLU A 41 11.95 9.23 -22.45
CA GLU A 41 12.58 9.72 -23.64
C GLU A 41 11.75 9.35 -24.88
N TRP A 42 11.15 8.17 -24.89
CA TRP A 42 10.25 7.79 -25.98
C TRP A 42 9.03 8.71 -26.02
N VAL A 43 8.49 9.04 -24.84
CA VAL A 43 7.37 9.98 -24.73
C VAL A 43 7.83 11.33 -25.27
N LYS A 44 9.04 11.75 -24.92
CA LYS A 44 9.59 12.99 -25.48
C LYS A 44 9.67 12.98 -27.01
N LEU A 45 10.27 11.95 -27.59
CA LEU A 45 10.46 11.85 -29.02
C LEU A 45 9.17 11.62 -29.81
N ARG A 46 8.23 10.89 -29.21
CA ARG A 46 7.04 10.46 -29.92
C ARG A 46 5.81 11.29 -29.60
N ALA A 47 5.78 11.90 -28.42
CA ALA A 47 4.64 12.72 -27.99
C ALA A 47 5.02 14.17 -27.70
N ASN A 48 6.26 14.54 -27.96
CA ASN A 48 6.72 15.93 -27.83
C ASN A 48 6.60 16.52 -26.42
N GLN A 49 6.77 15.68 -25.40
CA GLN A 49 6.71 16.12 -24.01
C GLN A 49 8.07 15.97 -23.32
N ASP A 50 8.71 17.09 -22.98
CA ASP A 50 10.03 17.04 -22.33
C ASP A 50 9.86 16.61 -20.86
N TYR A 51 10.96 16.27 -20.22
CA TYR A 51 10.94 15.83 -18.83
C TYR A 51 12.29 16.16 -18.22
N ALA A 52 12.41 16.02 -16.91
CA ALA A 52 13.65 16.22 -16.17
C ALA A 52 14.18 14.91 -15.63
N PHE A 53 15.48 14.69 -15.77
CA PHE A 53 16.17 13.57 -15.18
C PHE A 53 17.08 14.08 -14.08
N GLN A 54 16.92 13.51 -12.87
CA GLN A 54 17.84 13.74 -11.78
C GLN A 54 18.60 12.47 -11.40
N ALA A 55 19.88 12.45 -11.75
CA ALA A 55 20.76 11.38 -11.34
C ALA A 55 21.04 11.55 -9.86
N VAL A 56 20.93 10.46 -9.13
CA VAL A 56 21.17 10.45 -7.70
C VAL A 56 22.33 9.53 -7.36
N SER A 57 22.94 9.80 -6.21
CA SER A 57 23.96 8.93 -5.65
C SER A 57 23.32 7.99 -4.64
N ARG A 58 24.00 6.89 -4.36
CA ARG A 58 23.56 5.94 -3.33
C ARG A 58 23.55 6.58 -1.94
N GLU A 59 24.30 7.65 -1.77
CA GLU A 59 24.32 8.43 -0.53
C GLU A 59 23.10 9.33 -0.44
N PHE A 60 22.81 10.04 -1.53
CA PHE A 60 21.63 10.89 -1.59
C PHE A 60 20.32 10.16 -1.33
N ILE A 61 20.16 8.96 -1.87
CA ILE A 61 18.89 8.23 -1.71
C ILE A 61 18.65 7.74 -0.28
N LYS A 62 19.68 7.74 0.53
CA LYS A 62 19.52 7.45 1.95
C LYS A 62 19.49 8.71 2.78
N SER A 63 19.49 9.87 2.15
CA SER A 63 19.47 11.16 2.86
C SER A 63 18.08 11.49 3.38
N ALA A 64 18.02 12.31 4.42
CA ALA A 64 16.74 12.73 5.00
C ALA A 64 15.83 13.34 3.94
N GLU A 65 16.39 14.17 3.07
CA GLU A 65 15.63 14.85 2.01
C GLU A 65 14.97 13.87 1.05
N TYR A 66 15.73 12.89 0.59
CA TYR A 66 15.18 11.94 -0.37
C TYR A 66 14.19 10.99 0.31
N LEU A 67 14.51 10.57 1.54
CA LEU A 67 13.63 9.68 2.29
C LEU A 67 12.25 10.31 2.52
N ALA A 68 12.18 11.62 2.60
CA ALA A 68 10.89 12.32 2.73
C ALA A 68 10.02 12.21 1.48
N LEU A 69 10.66 12.10 0.32
CA LEU A 69 9.94 11.85 -0.95
C LEU A 69 9.65 10.38 -1.19
N ASN A 70 10.62 9.53 -0.89
CA ASN A 70 10.47 8.09 -1.05
C ASN A 70 11.09 7.38 0.15
N PRO A 71 10.26 7.03 1.14
CA PRO A 71 10.77 6.40 2.37
C PRO A 71 11.47 5.06 2.15
N ARG A 72 11.34 4.49 0.96
CA ARG A 72 12.00 3.24 0.65
C ARG A 72 13.46 3.45 0.23
N GLY A 73 13.85 4.71 0.02
CA GLY A 73 15.26 5.04 -0.21
C GLY A 73 15.86 4.33 -1.41
N ASN A 74 15.08 4.24 -2.47
CA ASN A 74 15.53 3.64 -3.70
C ASN A 74 14.94 4.37 -4.91
N VAL A 75 15.27 3.84 -6.09
CA VAL A 75 14.83 4.40 -7.35
C VAL A 75 14.21 3.26 -8.14
N PRO A 76 13.45 3.58 -9.20
CA PRO A 76 13.03 4.91 -9.66
C PRO A 76 11.96 5.59 -8.78
N LEU A 77 11.94 6.90 -8.89
CA LEU A 77 10.85 7.73 -8.42
C LEU A 77 10.50 8.71 -9.54
N LEU A 78 9.21 8.72 -9.90
CA LEU A 78 8.68 9.69 -10.85
C LEU A 78 7.83 10.71 -10.09
N VAL A 79 8.18 11.98 -10.22
CA VAL A 79 7.34 13.06 -9.67
C VAL A 79 6.60 13.81 -10.80
N ASP A 80 5.28 13.85 -10.71
CA ASP A 80 4.44 14.52 -11.69
C ASP A 80 3.48 15.37 -10.86
N GLY A 81 3.86 16.60 -10.59
CA GLY A 81 3.05 17.46 -9.73
C GLY A 81 3.02 16.95 -8.29
N ASP A 82 1.82 16.79 -7.73
CA ASP A 82 1.66 16.22 -6.39
C ASP A 82 1.80 14.68 -6.36
N LEU A 83 1.94 14.05 -7.53
CA LEU A 83 2.07 12.59 -7.61
C LEU A 83 3.54 12.20 -7.46
N ALA A 84 3.85 11.39 -6.45
CA ALA A 84 5.17 10.78 -6.29
C ALA A 84 5.01 9.26 -6.48
N LEU A 85 5.41 8.78 -7.64
CA LEU A 85 5.12 7.41 -8.02
C LEU A 85 6.40 6.59 -8.08
N THR A 86 6.42 5.52 -7.33
CA THR A 86 7.50 4.55 -7.36
C THR A 86 7.09 3.33 -8.17
N GLN A 87 8.04 2.42 -8.35
CA GLN A 87 7.89 1.13 -9.03
C GLN A 87 7.97 1.20 -10.53
N ASN A 88 9.03 0.59 -11.08
CA ASN A 88 9.20 0.52 -12.51
C ASN A 88 7.92 0.20 -13.30
N GLN A 89 7.22 -0.87 -12.93
CA GLN A 89 6.06 -1.30 -13.69
C GLN A 89 4.90 -0.29 -13.61
N ALA A 90 4.72 0.31 -12.44
CA ALA A 90 3.63 1.29 -12.25
C ALA A 90 3.93 2.54 -13.05
N ILE A 91 5.19 2.97 -13.02
CA ILE A 91 5.60 4.16 -13.77
C ILE A 91 5.34 3.99 -15.25
N VAL A 92 5.79 2.87 -15.84
CA VAL A 92 5.63 2.69 -17.26
C VAL A 92 4.18 2.43 -17.68
N HIS A 93 3.39 1.73 -16.86
CA HIS A 93 1.97 1.58 -17.17
C HIS A 93 1.24 2.94 -17.10
N TYR A 94 1.59 3.75 -16.13
CA TYR A 94 1.06 5.12 -16.01
C TYR A 94 1.38 5.96 -17.26
N LEU A 95 2.63 5.99 -17.68
CA LEU A 95 3.01 6.73 -18.87
C LEU A 95 2.29 6.20 -20.11
N ASP A 96 2.10 4.88 -20.19
CA ASP A 96 1.42 4.27 -21.34
C ASP A 96 -0.04 4.71 -21.40
N GLU A 97 -0.68 4.84 -20.24
CA GLU A 97 -2.08 5.32 -20.16
C GLU A 97 -2.18 6.76 -20.61
N LEU A 98 -1.23 7.57 -20.17
CA LEU A 98 -1.19 8.99 -20.54
C LEU A 98 -0.84 9.21 -22.03
N TYR A 99 0.05 8.37 -22.56
CA TYR A 99 0.60 8.54 -23.90
C TYR A 99 0.53 7.24 -24.71
N PRO A 100 -0.69 6.77 -25.02
CA PRO A 100 -0.81 5.51 -25.74
C PRO A 100 -0.11 5.52 -27.10
N GLU A 101 -0.05 6.70 -27.72
CA GLU A 101 0.53 6.85 -29.04
C GLU A 101 2.03 6.59 -29.05
N ALA A 102 2.69 6.72 -27.89
CA ALA A 102 4.13 6.41 -27.75
C ALA A 102 4.47 4.91 -27.82
N LYS A 103 3.47 4.04 -27.75
CA LYS A 103 3.68 2.60 -27.89
C LYS A 103 4.79 2.06 -26.98
N LEU A 104 4.75 2.45 -25.71
CA LEU A 104 5.77 2.02 -24.75
C LEU A 104 5.86 0.49 -24.60
N PHE A 105 4.75 -0.21 -24.83
CA PHE A 105 4.72 -1.67 -24.75
C PHE A 105 4.81 -2.35 -26.13
N GLY A 106 5.21 -1.60 -27.16
CA GLY A 106 5.52 -2.17 -28.45
C GLY A 106 4.32 -2.30 -29.36
N SER A 107 3.16 -1.83 -28.92
CA SER A 107 1.89 -1.98 -29.65
C SER A 107 0.83 -1.11 -28.99
N LYS A 108 -0.27 -0.90 -29.70
CA LYS A 108 -1.43 -0.24 -29.14
C LYS A 108 -2.53 -1.24 -28.77
N THR A 109 -2.44 -2.49 -29.23
CA THR A 109 -3.53 -3.47 -28.96
C THR A 109 -3.35 -4.15 -27.62
N ALA A 110 -4.47 -4.46 -26.95
CA ALA A 110 -4.44 -4.99 -25.59
C ALA A 110 -3.65 -6.28 -25.45
N ARG A 111 -3.89 -7.24 -26.34
CA ARG A 111 -3.21 -8.53 -26.32
CA ARG A 111 -3.20 -8.53 -26.28
C ARG A 111 -1.70 -8.39 -26.49
N ASP A 112 -1.29 -7.62 -27.50
CA ASP A 112 0.15 -7.48 -27.73
C ASP A 112 0.84 -6.68 -26.62
N LYS A 113 0.17 -5.67 -26.08
CA LYS A 113 0.71 -4.93 -24.94
C LYS A 113 0.90 -5.82 -23.73
N ALA A 114 -0.06 -6.73 -23.51
CA ALA A 114 -0.02 -7.60 -22.36
C ALA A 114 1.15 -8.57 -22.48
N LYS A 115 1.39 -9.07 -23.68
CA LYS A 115 2.52 -9.97 -23.92
C LYS A 115 3.85 -9.29 -23.59
N ALA A 116 4.00 -8.05 -23.97
CA ALA A 116 5.20 -7.27 -23.62
C ALA A 116 5.26 -6.95 -22.13
N ALA A 117 4.11 -6.61 -21.55
CA ALA A 117 4.02 -6.42 -20.10
C ALA A 117 4.40 -7.69 -19.31
N ARG A 118 4.08 -8.86 -19.87
CA ARG A 118 4.47 -10.13 -19.27
CA ARG A 118 4.46 -10.13 -19.26
C ARG A 118 5.99 -10.21 -19.16
N TRP A 119 6.67 -9.90 -20.26
CA TRP A 119 8.14 -9.93 -20.25
C TRP A 119 8.74 -8.90 -19.27
N LEU A 120 8.19 -7.70 -19.27
CA LEU A 120 8.62 -6.68 -18.32
C LEU A 120 8.49 -7.19 -16.90
N ALA A 121 7.33 -7.79 -16.58
CA ALA A 121 7.10 -8.34 -15.27
C ALA A 121 8.06 -9.48 -14.90
N PHE A 122 8.33 -10.39 -15.84
CA PHE A 122 9.32 -11.45 -15.63
C PHE A 122 10.70 -10.87 -15.27
N PHE A 123 11.11 -9.88 -16.05
CA PHE A 123 12.39 -9.24 -15.85
C PHE A 123 12.44 -8.50 -14.53
N ASN A 124 11.39 -7.73 -14.23
CA ASN A 124 11.35 -6.91 -13.00
C ASN A 124 11.12 -7.70 -11.71
N SER A 125 10.30 -8.75 -11.73
CA SER A 125 9.92 -9.46 -10.52
CA SER A 125 9.94 -9.45 -10.50
C SER A 125 10.73 -10.74 -10.32
N ASP A 126 10.97 -11.46 -11.39
CA ASP A 126 11.68 -12.74 -11.30
C ASP A 126 13.18 -12.67 -11.58
N VAL A 127 13.58 -11.98 -12.64
CA VAL A 127 15.01 -12.00 -13.03
C VAL A 127 15.84 -11.02 -12.19
N HIS A 128 15.36 -9.79 -12.03
CA HIS A 128 16.14 -8.76 -11.35
C HIS A 128 16.52 -9.32 -9.94
N LYS A 129 15.50 -9.85 -9.33
CA LYS A 129 15.71 -10.59 -8.13
CA LYS A 129 15.73 -10.61 -8.00
C LYS A 129 17.03 -11.53 -7.84
N SER A 130 17.23 -12.29 -8.94
CA SER A 130 18.42 -13.14 -8.97
C SER A 130 19.73 -12.36 -8.89
N PHE A 131 19.72 -11.10 -9.34
CA PHE A 131 20.93 -10.27 -9.30
C PHE A 131 21.22 -9.71 -7.91
N VAL A 132 20.19 -9.60 -7.07
CA VAL A 132 20.33 -8.84 -5.84
C VAL A 132 21.53 -9.29 -5.03
N PRO A 133 21.70 -10.61 -4.80
CA PRO A 133 22.87 -11.02 -4.00
C PRO A 133 24.23 -10.66 -4.61
N LEU A 134 24.29 -10.41 -5.91
CA LEU A 134 25.54 -10.01 -6.55
C LEU A 134 25.85 -8.54 -6.32
N PHE A 135 24.82 -7.75 -6.00
CA PHE A 135 24.99 -6.33 -5.68
C PHE A 135 25.09 -6.10 -4.18
N ARG A 136 24.29 -6.83 -3.41
CA ARG A 136 24.31 -6.75 -1.94
C ARG A 136 24.15 -8.14 -1.33
N LEU A 137 25.25 -8.66 -0.79
CA LEU A 137 25.29 -10.00 -0.18
C LEU A 137 24.41 -10.05 1.06
N PRO A 138 23.65 -11.15 1.25
CA PRO A 138 22.91 -11.29 2.51
C PRO A 138 23.84 -11.10 3.72
N SER A 139 23.32 -10.48 4.77
CA SER A 139 24.12 -10.17 5.95
C SER A 139 24.75 -11.42 6.54
N TYR A 140 23.97 -12.49 6.59
CA TYR A 140 24.45 -13.75 7.16
C TYR A 140 25.63 -14.38 6.44
N ALA A 141 25.87 -13.98 5.19
CA ALA A 141 27.00 -14.48 4.43
C ALA A 141 28.28 -13.65 4.56
N GLU A 142 28.19 -12.41 5.06
CA GLU A 142 29.37 -11.53 5.08
C GLU A 142 30.46 -12.12 5.99
N GLY A 143 31.67 -12.29 5.44
CA GLY A 143 32.80 -12.87 6.18
C GLY A 143 32.95 -14.37 6.06
N ASN A 144 31.98 -15.03 5.41
CA ASN A 144 31.98 -16.47 5.23
C ASN A 144 32.30 -16.74 3.76
N GLU A 145 33.55 -17.15 3.53
CA GLU A 145 34.11 -17.29 2.19
C GLU A 145 33.36 -18.31 1.34
N THR A 146 33.09 -19.47 1.95
CA THR A 146 32.44 -20.57 1.25
C THR A 146 30.99 -20.24 0.94
N LEU A 147 30.28 -19.70 1.92
CA LEU A 147 28.88 -19.33 1.72
C LEU A 147 28.73 -18.19 0.71
N THR A 148 29.62 -17.21 0.77
CA THR A 148 29.61 -16.11 -0.19
C THR A 148 29.75 -16.63 -1.62
N LYS A 149 30.72 -17.52 -1.81
CA LYS A 149 30.94 -18.15 -3.11
C LYS A 149 29.71 -18.92 -3.57
N THR A 150 29.10 -19.68 -2.67
CA THR A 150 27.91 -20.45 -2.99
C THR A 150 26.75 -19.54 -3.40
N ILE A 151 26.51 -18.48 -2.65
CA ILE A 151 25.42 -17.55 -2.97
C ILE A 151 25.61 -16.88 -4.35
N ARG A 152 26.83 -16.46 -4.63
CA ARG A 152 27.14 -15.83 -5.90
C ARG A 152 27.01 -16.83 -7.06
N GLN A 153 27.44 -18.07 -6.83
CA GLN A 153 27.27 -19.13 -7.82
C GLN A 153 25.79 -19.37 -8.12
N GLN A 154 24.98 -19.48 -7.09
CA GLN A 154 23.55 -19.75 -7.31
C GLN A 154 22.88 -18.63 -8.06
N SER A 155 23.24 -17.38 -7.75
CA SER A 155 22.72 -16.23 -8.49
C SER A 155 23.10 -16.30 -9.96
N ALA A 156 24.37 -16.58 -10.23
CA ALA A 156 24.82 -16.70 -11.61
C ALA A 156 24.06 -17.78 -12.35
N GLU A 157 23.89 -18.94 -11.72
CA GLU A 157 23.17 -20.03 -12.36
C GLU A 157 21.70 -19.70 -12.62
N GLN A 158 21.05 -19.08 -11.64
CA GLN A 158 19.67 -18.62 -11.82
C GLN A 158 19.53 -17.62 -12.98
N ILE A 159 20.40 -16.61 -13.02
CA ILE A 159 20.40 -15.61 -14.09
C ILE A 159 20.56 -16.28 -15.44
N LEU A 160 21.55 -17.18 -15.57
CA LEU A 160 21.82 -17.79 -16.86
C LEU A 160 20.63 -18.63 -17.34
N GLU A 161 19.95 -19.29 -16.41
CA GLU A 161 18.76 -20.10 -16.74
C GLU A 161 17.62 -19.16 -17.22
N GLN A 162 17.45 -18.04 -16.54
CA GLN A 162 16.45 -17.07 -16.97
C GLN A 162 16.79 -16.40 -18.30
N LEU A 163 18.07 -16.05 -18.48
CA LEU A 163 18.50 -15.49 -19.77
C LEU A 163 18.32 -16.48 -20.94
N ALA A 164 18.53 -17.77 -20.68
CA ALA A 164 18.28 -18.79 -21.70
C ALA A 164 16.81 -18.79 -22.17
N PHE A 165 15.89 -18.55 -21.25
CA PHE A 165 14.47 -18.45 -21.58
C PHE A 165 14.16 -17.23 -22.45
N ALA A 166 14.74 -16.09 -22.11
CA ALA A 166 14.63 -14.90 -22.91
C ALA A 166 15.28 -15.10 -24.27
N ASN A 167 16.47 -15.69 -24.29
CA ASN A 167 17.15 -15.96 -25.53
C ASN A 167 16.32 -16.85 -26.47
N ALA A 168 15.62 -17.84 -25.92
CA ALA A 168 14.78 -18.74 -26.73
C ALA A 168 13.66 -17.95 -27.39
N HIS A 169 13.11 -16.97 -26.70
CA HIS A 169 12.09 -16.14 -27.30
C HIS A 169 12.65 -15.40 -28.53
N LEU A 170 13.87 -14.89 -28.41
CA LEU A 170 14.48 -14.12 -29.48
C LEU A 170 14.86 -14.95 -30.71
N GLU A 171 14.80 -16.27 -30.60
CA GLU A 171 14.99 -17.11 -31.76
C GLU A 171 13.92 -16.90 -32.81
N ASN A 172 12.73 -16.45 -32.41
CA ASN A 172 11.60 -16.27 -33.32
C ASN A 172 10.99 -14.86 -33.35
N HIS A 173 11.62 -13.91 -32.64
CA HIS A 173 11.10 -12.56 -32.47
C HIS A 173 12.26 -11.61 -32.28
N ILE A 174 12.21 -10.43 -32.89
CA ILE A 174 13.34 -9.50 -32.74
C ILE A 174 13.27 -8.68 -31.45
N PHE A 175 12.09 -8.49 -30.89
CA PHE A 175 11.91 -7.79 -29.64
C PHE A 175 10.92 -8.54 -28.75
N PHE A 176 10.83 -8.10 -27.49
CA PHE A 176 9.86 -8.59 -26.54
C PHE A 176 8.49 -7.91 -26.66
N GLY A 177 8.40 -6.92 -27.55
CA GLY A 177 7.13 -6.42 -28.05
C GLY A 177 7.04 -6.64 -29.55
N GLU A 178 5.94 -6.23 -30.16
CA GLU A 178 5.82 -6.28 -31.63
C GLU A 178 6.83 -5.30 -32.25
N GLU A 179 6.99 -4.16 -31.59
CA GLU A 179 8.07 -3.22 -31.79
C GLU A 179 8.81 -3.09 -30.47
N ILE A 180 9.92 -2.39 -30.48
CA ILE A 180 10.71 -2.21 -29.27
C ILE A 180 9.85 -1.65 -28.14
N SER A 181 10.12 -2.13 -26.93
CA SER A 181 9.30 -1.86 -25.78
C SER A 181 10.11 -1.69 -24.50
N VAL A 182 9.43 -1.27 -23.46
CA VAL A 182 10.04 -1.20 -22.11
C VAL A 182 10.60 -2.53 -21.63
N ALA A 183 10.02 -3.66 -22.07
CA ALA A 183 10.58 -4.98 -21.70
C ALA A 183 11.98 -5.16 -22.29
N ASP A 184 12.15 -4.70 -23.52
CA ASP A 184 13.46 -4.75 -24.19
C ASP A 184 14.48 -3.91 -23.47
N ALA A 185 14.06 -2.72 -23.04
CA ALA A 185 14.96 -1.86 -22.25
C ALA A 185 15.38 -2.52 -20.95
N TYR A 186 14.47 -3.25 -20.31
CA TYR A 186 14.78 -3.93 -19.06
C TYR A 186 15.81 -5.06 -19.29
N LEU A 187 15.59 -5.91 -20.28
CA LEU A 187 16.57 -6.99 -20.53
C LEU A 187 17.92 -6.37 -20.90
N TYR A 188 17.90 -5.35 -21.74
CA TYR A 188 19.12 -4.66 -22.16
C TYR A 188 19.96 -4.24 -20.95
N ILE A 189 19.34 -3.57 -19.99
CA ILE A 189 20.10 -3.07 -18.85
C ILE A 189 20.65 -4.19 -17.97
N MET A 190 19.88 -5.28 -17.83
CA MET A 190 20.35 -6.43 -17.08
C MET A 190 21.54 -7.11 -17.79
N LEU A 191 21.54 -7.13 -19.11
CA LEU A 191 22.71 -7.61 -19.85
C LEU A 191 23.92 -6.67 -19.67
N ASN A 192 23.68 -5.38 -19.53
CA ASN A 192 24.77 -4.43 -19.22
C ASN A 192 25.32 -4.77 -17.81
N TRP A 193 24.44 -5.06 -16.85
CA TRP A 193 24.89 -5.49 -15.51
C TRP A 193 25.74 -6.73 -15.59
N CYS A 194 25.31 -7.71 -16.39
CA CYS A 194 26.10 -8.93 -16.57
C CYS A 194 27.51 -8.60 -17.04
N ARG A 195 27.61 -7.75 -18.05
CA ARG A 195 28.93 -7.34 -18.57
C ARG A 195 29.77 -6.72 -17.45
N LEU A 196 29.17 -5.82 -16.67
CA LEU A 196 29.87 -5.18 -15.55
C LEU A 196 30.31 -6.15 -14.45
N LEU A 197 29.50 -7.19 -14.21
CA LEU A 197 29.78 -8.22 -13.21
C LEU A 197 30.69 -9.33 -13.74
N GLY A 198 30.96 -9.34 -15.04
CA GLY A 198 31.73 -10.42 -15.68
C GLY A 198 30.97 -11.75 -15.74
N LEU A 199 29.65 -11.67 -15.82
CA LEU A 199 28.82 -12.83 -16.06
C LEU A 199 28.62 -12.97 -17.57
N ASP A 200 29.30 -13.95 -18.17
CA ASP A 200 29.25 -14.13 -19.59
C ASP A 200 27.96 -14.78 -20.10
N PHE A 201 27.46 -14.32 -21.24
CA PHE A 201 26.26 -14.90 -21.84
C PHE A 201 26.47 -15.18 -23.33
N SER A 202 27.74 -15.36 -23.74
CA SER A 202 28.06 -15.53 -25.17
C SER A 202 27.50 -16.81 -25.77
N HIS A 203 27.21 -17.78 -24.92
CA HIS A 203 26.60 -19.04 -25.37
C HIS A 203 25.12 -18.90 -25.77
N LEU A 204 24.51 -17.77 -25.42
CA LEU A 204 23.11 -17.50 -25.74
C LEU A 204 23.16 -16.66 -27.00
N SER A 205 22.95 -17.31 -28.14
CA SER A 205 23.36 -16.77 -29.43
CA SER A 205 23.38 -16.75 -29.42
C SER A 205 22.60 -15.55 -29.96
N GLN A 206 21.40 -15.29 -29.42
CA GLN A 206 20.61 -14.14 -29.87
C GLN A 206 20.89 -12.83 -29.12
N LEU A 207 21.54 -12.91 -27.97
CA LEU A 207 21.58 -11.76 -27.07
C LEU A 207 22.47 -10.62 -27.57
N SER A 208 23.60 -10.95 -28.18
CA SER A 208 24.48 -9.91 -28.73
C SER A 208 23.76 -9.04 -29.79
N ALA A 209 23.08 -9.69 -30.73
CA ALA A 209 22.37 -8.97 -31.78
C ALA A 209 21.20 -8.17 -31.20
N PHE A 210 20.53 -8.73 -30.21
CA PHE A 210 19.49 -8.02 -29.47
C PHE A 210 20.03 -6.71 -28.89
N MET A 211 21.17 -6.77 -28.19
CA MET A 211 21.79 -5.58 -27.65
C MET A 211 22.09 -4.53 -28.72
N GLN A 212 22.56 -4.96 -29.89
CA GLN A 212 22.81 -4.02 -30.99
C GLN A 212 21.53 -3.35 -31.48
N ARG A 213 20.46 -4.12 -31.65
CA ARG A 213 19.16 -3.60 -32.07
C ARG A 213 18.62 -2.59 -31.07
N VAL A 214 18.75 -2.89 -29.78
CA VAL A 214 18.27 -1.97 -28.74
C VAL A 214 19.11 -0.67 -28.76
N GLU A 215 20.41 -0.83 -28.88
CA GLU A 215 21.33 0.33 -28.93
C GLU A 215 21.11 1.25 -30.14
N ALA A 216 20.52 0.70 -31.21
CA ALA A 216 20.24 1.45 -32.44
C ALA A 216 19.05 2.38 -32.31
N ASP A 217 18.23 2.17 -31.29
CA ASP A 217 17.05 2.99 -31.07
C ASP A 217 17.45 4.34 -30.55
N GLN A 218 16.89 5.41 -31.11
CA GLN A 218 17.33 6.77 -30.74
C GLN A 218 17.05 7.11 -29.29
N GLY A 219 15.91 6.67 -28.77
CA GLY A 219 15.56 6.93 -27.39
C GLY A 219 16.54 6.27 -26.45
N VAL A 220 16.85 5.00 -26.72
CA VAL A 220 17.85 4.28 -25.92
C VAL A 220 19.20 4.99 -26.01
N ASP A 221 19.59 5.37 -27.21
CA ASP A 221 20.90 6.01 -27.42
C ASP A 221 21.00 7.30 -26.60
N ASN A 222 19.96 8.11 -26.64
CA ASN A 222 19.95 9.35 -25.87
C ASN A 222 20.10 9.09 -24.38
N VAL A 223 19.38 8.09 -23.87
CA VAL A 223 19.45 7.79 -22.45
C VAL A 223 20.82 7.23 -22.07
N ARG A 224 21.37 6.36 -22.90
CA ARG A 224 22.69 5.80 -22.62
C ARG A 224 23.72 6.94 -22.51
N GLU A 225 23.57 7.93 -23.38
CA GLU A 225 24.41 9.13 -23.33
C GLU A 225 24.23 9.90 -22.02
N GLN A 226 22.97 10.23 -21.68
CA GLN A 226 22.69 10.95 -20.47
C GLN A 226 23.22 10.26 -19.19
N GLU A 227 23.14 8.92 -19.15
CA GLU A 227 23.49 8.11 -17.97
C GLU A 227 24.95 7.66 -18.00
N GLY A 228 25.70 8.09 -19.00
CA GLY A 228 27.15 7.80 -19.07
C GLY A 228 27.50 6.37 -19.37
N LEU A 229 26.62 5.67 -20.07
CA LEU A 229 26.75 4.22 -20.25
C LEU A 229 27.55 3.78 -21.45
N LYS A 230 27.90 4.70 -22.35
CA LYS A 230 28.69 4.29 -23.52
C LYS A 230 30.14 4.02 -23.14
N GLY A 231 30.79 3.19 -23.96
CA GLY A 231 32.18 2.80 -23.74
C GLY A 231 32.40 2.06 -22.43
N ASN B 17 -20.37 -18.49 -28.47
CA ASN B 17 -20.72 -19.78 -27.79
C ASN B 17 -19.68 -20.86 -28.07
N LEU B 18 -19.66 -21.36 -29.30
CA LEU B 18 -18.73 -22.43 -29.72
C LEU B 18 -17.41 -21.88 -30.25
N TYR B 19 -17.35 -20.57 -30.46
CA TYR B 19 -16.16 -19.92 -31.04
C TYR B 19 -15.37 -19.09 -30.05
N PHE B 20 -16.00 -18.72 -28.94
CA PHE B 20 -15.34 -17.96 -27.89
C PHE B 20 -15.63 -18.58 -26.52
N GLN B 21 -14.57 -18.99 -25.85
CA GLN B 21 -14.70 -19.56 -24.53
C GLN B 21 -14.34 -18.51 -23.52
N SER B 22 -14.80 -18.72 -22.31
CA SER B 22 -14.45 -17.86 -21.23
C SER B 22 -12.94 -17.93 -21.05
N MET B 23 -12.40 -16.92 -20.40
CA MET B 23 -11.01 -16.96 -19.97
C MET B 23 -10.88 -18.04 -18.92
N LYS B 24 -9.71 -18.68 -18.89
CA LYS B 24 -9.40 -19.70 -17.89
C LYS B 24 -8.16 -19.31 -17.10
N LEU B 25 -8.27 -19.34 -15.78
CA LEU B 25 -7.14 -19.11 -14.87
C LEU B 25 -6.71 -20.43 -14.23
N TYR B 26 -5.43 -20.73 -14.40
CA TYR B 26 -4.76 -21.79 -13.63
C TYR B 26 -4.13 -21.17 -12.39
N GLY B 27 -4.48 -21.71 -11.24
CA GLY B 27 -3.99 -21.25 -9.96
C GLY B 27 -3.76 -22.33 -8.93
N LEU B 28 -2.84 -22.05 -8.00
CA LEU B 28 -2.66 -22.83 -6.79
C LEU B 28 -3.54 -22.22 -5.71
N THR B 29 -4.44 -23.00 -5.11
CA THR B 29 -5.32 -22.41 -4.10
C THR B 29 -4.50 -21.80 -2.96
N GLY B 30 -4.86 -20.55 -2.63
CA GLY B 30 -4.26 -19.83 -1.54
C GLY B 30 -2.94 -19.17 -1.89
N ALA B 31 -2.46 -19.33 -3.12
CA ALA B 31 -1.16 -18.78 -3.52
C ALA B 31 -1.37 -17.43 -4.20
N CYS B 32 -0.31 -16.87 -4.82
CA CYS B 32 -0.41 -15.54 -5.40
C CYS B 32 -1.45 -15.45 -6.51
N SER B 33 -1.75 -16.58 -7.15
CA SER B 33 -2.77 -16.65 -8.19
C SER B 33 -4.18 -16.31 -7.68
N PHE B 34 -4.35 -16.28 -6.36
CA PHE B 34 -5.56 -15.70 -5.72
C PHE B 34 -5.88 -14.32 -6.26
N VAL B 35 -4.86 -13.52 -6.54
CA VAL B 35 -5.08 -12.13 -6.95
C VAL B 35 -5.77 -12.01 -8.32
N PRO B 36 -5.22 -12.63 -9.38
CA PRO B 36 -6.00 -12.59 -10.61
C PRO B 36 -7.34 -13.35 -10.53
N HIS B 37 -7.43 -14.30 -9.61
CA HIS B 37 -8.73 -14.97 -9.39
C HIS B 37 -9.75 -13.96 -8.90
N VAL B 38 -9.37 -13.17 -7.90
CA VAL B 38 -10.22 -12.08 -7.41
C VAL B 38 -10.54 -11.08 -8.54
N ALA B 39 -9.54 -10.71 -9.35
CA ALA B 39 -9.77 -9.82 -10.51
C ALA B 39 -10.82 -10.37 -11.47
N LEU B 40 -10.69 -11.64 -11.85
CA LEU B 40 -11.68 -12.29 -12.70
C LEU B 40 -13.08 -12.31 -12.06
N GLU B 41 -13.16 -12.54 -10.76
CA GLU B 41 -14.44 -12.53 -10.05
C GLU B 41 -15.05 -11.13 -10.05
N TRP B 42 -14.22 -10.10 -9.91
CA TRP B 42 -14.72 -8.74 -9.98
C TRP B 42 -15.23 -8.41 -11.38
N VAL B 43 -14.52 -8.87 -12.40
CA VAL B 43 -15.00 -8.74 -13.80
C VAL B 43 -16.35 -9.44 -13.97
N LYS B 44 -16.48 -10.63 -13.39
CA LYS B 44 -17.75 -11.37 -13.44
C LYS B 44 -18.89 -10.59 -12.79
N LEU B 45 -18.64 -10.12 -11.58
CA LEU B 45 -19.65 -9.41 -10.79
C LEU B 45 -20.03 -8.03 -11.33
N ARG B 46 -19.05 -7.33 -11.86
CA ARG B 46 -19.23 -5.92 -12.27
C ARG B 46 -19.43 -5.75 -13.77
N ALA B 47 -18.97 -6.71 -14.57
CA ALA B 47 -19.08 -6.66 -16.03
C ALA B 47 -19.77 -7.89 -16.64
N ASN B 48 -20.32 -8.76 -15.80
CA ASN B 48 -21.16 -9.89 -16.24
C ASN B 48 -20.46 -10.85 -17.20
N GLN B 49 -19.17 -11.07 -16.98
CA GLN B 49 -18.40 -11.99 -17.81
CA GLN B 49 -18.40 -12.01 -17.80
C GLN B 49 -17.91 -13.14 -16.93
N ASP B 50 -18.39 -14.34 -17.20
CA ASP B 50 -18.00 -15.52 -16.44
C ASP B 50 -16.60 -15.93 -16.89
N TYR B 51 -16.01 -16.80 -16.10
CA TYR B 51 -14.66 -17.32 -16.36
C TYR B 51 -14.56 -18.71 -15.77
N ALA B 52 -13.49 -19.40 -16.14
CA ALA B 52 -13.17 -20.73 -15.63
C ALA B 52 -11.96 -20.66 -14.69
N PHE B 53 -12.04 -21.35 -13.56
CA PHE B 53 -10.90 -21.52 -12.67
C PHE B 53 -10.48 -22.97 -12.65
N GLN B 54 -9.21 -23.22 -12.92
CA GLN B 54 -8.62 -24.55 -12.75
C GLN B 54 -7.60 -24.53 -11.63
N ALA B 55 -7.96 -25.17 -10.52
CA ALA B 55 -7.01 -25.38 -9.45
C ALA B 55 -6.02 -26.44 -9.89
N VAL B 56 -4.75 -26.15 -9.69
CA VAL B 56 -3.66 -27.08 -10.01
C VAL B 56 -2.92 -27.51 -8.76
N SER B 57 -2.28 -28.70 -8.82
CA SER B 57 -1.34 -29.12 -7.78
C SER B 57 0.08 -28.73 -8.17
N ARG B 58 0.96 -28.71 -7.17
CA ARG B 58 2.38 -28.45 -7.38
C ARG B 58 3.01 -29.52 -8.28
N GLU B 59 2.43 -30.72 -8.28
CA GLU B 59 2.87 -31.80 -9.17
C GLU B 59 2.42 -31.55 -10.62
N PHE B 60 1.17 -31.12 -10.81
CA PHE B 60 0.63 -30.91 -12.15
C PHE B 60 1.38 -29.81 -12.88
N ILE B 61 1.82 -28.78 -12.17
CA ILE B 61 2.54 -27.67 -12.80
C ILE B 61 3.97 -28.03 -13.23
N LYS B 62 4.48 -29.18 -12.76
CA LYS B 62 5.76 -29.67 -13.27
C LYS B 62 5.57 -30.77 -14.31
N SER B 63 4.31 -31.06 -14.63
CA SER B 63 3.96 -32.08 -15.63
C SER B 63 4.23 -31.59 -17.06
N ALA B 64 4.40 -32.56 -17.96
CA ALA B 64 4.67 -32.27 -19.35
C ALA B 64 3.55 -31.47 -20.01
N GLU B 65 2.30 -31.82 -19.68
CA GLU B 65 1.15 -31.12 -20.27
C GLU B 65 1.14 -29.65 -19.87
N TYR B 66 1.43 -29.36 -18.62
CA TYR B 66 1.39 -27.98 -18.15
C TYR B 66 2.58 -27.16 -18.62
N LEU B 67 3.77 -27.76 -18.62
CA LEU B 67 4.95 -27.07 -19.11
C LEU B 67 4.80 -26.65 -20.58
N ALA B 68 3.99 -27.39 -21.33
CA ALA B 68 3.67 -27.03 -22.72
C ALA B 68 2.91 -25.71 -22.80
N LEU B 69 2.04 -25.46 -21.82
CA LEU B 69 1.33 -24.18 -21.74
C LEU B 69 2.21 -23.12 -21.09
N ASN B 70 2.88 -23.47 -19.99
CA ASN B 70 3.73 -22.53 -19.27
C ASN B 70 5.08 -23.17 -18.92
N PRO B 71 6.10 -22.96 -19.78
CA PRO B 71 7.45 -23.53 -19.55
C PRO B 71 8.08 -23.20 -18.19
N ARG B 72 7.60 -22.14 -17.52
CA ARG B 72 8.13 -21.76 -16.23
C ARG B 72 7.53 -22.57 -15.07
N GLY B 73 6.49 -23.36 -15.36
CA GLY B 73 5.97 -24.33 -14.40
C GLY B 73 5.47 -23.72 -13.13
N ASN B 74 4.81 -22.59 -13.25
CA ASN B 74 4.25 -21.95 -12.08
C ASN B 74 2.92 -21.32 -12.45
N VAL B 75 2.35 -20.62 -11.49
CA VAL B 75 1.09 -19.94 -11.67
C VAL B 75 1.27 -18.50 -11.22
N PRO B 76 0.36 -17.61 -11.61
CA PRO B 76 -0.82 -17.79 -12.47
C PRO B 76 -0.54 -17.94 -13.93
N LEU B 77 -1.49 -18.57 -14.61
CA LEU B 77 -1.55 -18.57 -16.08
C LEU B 77 -2.97 -18.28 -16.49
N LEU B 78 -3.12 -17.28 -17.37
CA LEU B 78 -4.43 -16.92 -17.92
C LEU B 78 -4.44 -17.31 -19.39
N VAL B 79 -5.41 -18.11 -19.79
CA VAL B 79 -5.59 -18.47 -21.19
C VAL B 79 -6.88 -17.77 -21.64
N ASP B 80 -6.76 -16.96 -22.70
CA ASP B 80 -7.89 -16.24 -23.30
C ASP B 80 -7.77 -16.49 -24.81
N GLY B 81 -8.52 -17.47 -25.33
CA GLY B 81 -8.34 -17.89 -26.72
C GLY B 81 -6.93 -18.43 -26.91
N ASP B 82 -6.16 -17.82 -27.82
CA ASP B 82 -4.78 -18.20 -28.15
CA ASP B 82 -4.80 -18.27 -28.08
C ASP B 82 -3.74 -17.47 -27.31
N LEU B 83 -4.18 -16.52 -26.51
CA LEU B 83 -3.25 -15.82 -25.61
C LEU B 83 -3.07 -16.69 -24.37
N ALA B 84 -1.81 -17.06 -24.12
CA ALA B 84 -1.38 -17.67 -22.86
C ALA B 84 -0.52 -16.65 -22.09
N LEU B 85 -1.14 -15.99 -21.11
CA LEU B 85 -0.53 -14.89 -20.41
C LEU B 85 -0.11 -15.26 -18.99
N THR B 86 1.17 -15.13 -18.69
CA THR B 86 1.69 -15.26 -17.33
C THR B 86 1.93 -13.87 -16.70
N GLN B 87 2.31 -13.90 -15.42
CA GLN B 87 2.67 -12.75 -14.57
C GLN B 87 1.47 -12.05 -13.98
N ASN B 88 1.38 -12.06 -12.65
CA ASN B 88 0.26 -11.39 -11.96
C ASN B 88 0.00 -9.98 -12.48
N GLN B 89 1.05 -9.18 -12.60
CA GLN B 89 0.85 -7.76 -12.94
C GLN B 89 0.37 -7.60 -14.38
N ALA B 90 0.89 -8.41 -15.28
CA ALA B 90 0.46 -8.37 -16.67
C ALA B 90 -1.00 -8.81 -16.82
N ILE B 91 -1.37 -9.88 -16.12
CA ILE B 91 -2.72 -10.38 -16.18
C ILE B 91 -3.71 -9.29 -15.69
N VAL B 92 -3.44 -8.69 -14.54
CA VAL B 92 -4.40 -7.71 -14.01
C VAL B 92 -4.45 -6.41 -14.85
N HIS B 93 -3.31 -5.94 -15.37
CA HIS B 93 -3.33 -4.80 -16.29
C HIS B 93 -4.11 -5.09 -17.60
N TYR B 94 -3.97 -6.31 -18.10
CA TYR B 94 -4.72 -6.77 -19.27
C TYR B 94 -6.23 -6.75 -19.01
N LEU B 95 -6.66 -7.32 -17.89
CA LEU B 95 -8.08 -7.34 -17.56
C LEU B 95 -8.60 -5.93 -17.35
N ASP B 96 -7.78 -5.05 -16.77
CA ASP B 96 -8.17 -3.65 -16.58
C ASP B 96 -8.35 -2.91 -17.90
N GLU B 97 -7.52 -3.22 -18.91
CA GLU B 97 -7.66 -2.61 -20.23
CA GLU B 97 -7.67 -2.58 -20.21
C GLU B 97 -8.94 -3.07 -20.91
N LEU B 98 -9.25 -4.35 -20.78
CA LEU B 98 -10.46 -4.93 -21.38
C LEU B 98 -11.74 -4.51 -20.65
N TYR B 99 -11.66 -4.36 -19.32
CA TYR B 99 -12.81 -4.05 -18.48
C TYR B 99 -12.54 -2.86 -17.53
N PRO B 100 -12.33 -1.67 -18.10
CA PRO B 100 -12.08 -0.50 -17.25
C PRO B 100 -13.21 -0.22 -16.26
N GLU B 101 -14.44 -0.55 -16.65
CA GLU B 101 -15.60 -0.36 -15.79
C GLU B 101 -15.52 -1.18 -14.49
N ALA B 102 -14.73 -2.26 -14.50
CA ALA B 102 -14.56 -3.10 -13.31
C ALA B 102 -13.69 -2.50 -12.19
N LYS B 103 -13.00 -1.39 -12.45
CA LYS B 103 -12.22 -0.70 -11.42
C LYS B 103 -11.31 -1.65 -10.64
N LEU B 104 -10.59 -2.49 -11.37
CA LEU B 104 -9.68 -3.43 -10.75
C LEU B 104 -8.57 -2.76 -9.96
N PHE B 105 -8.16 -1.54 -10.35
CA PHE B 105 -7.17 -0.76 -9.61
C PHE B 105 -7.80 0.28 -8.65
N GLY B 106 -9.08 0.16 -8.40
CA GLY B 106 -9.75 0.93 -7.35
C GLY B 106 -10.26 2.29 -7.76
N SER B 107 -10.18 2.55 -9.06
CA SER B 107 -10.49 3.83 -9.69
C SER B 107 -10.45 3.68 -11.21
N LYS B 108 -11.01 4.67 -11.90
CA LYS B 108 -10.94 4.77 -13.37
C LYS B 108 -9.91 5.82 -13.82
N THR B 109 -9.43 6.64 -12.88
CA THR B 109 -8.54 7.78 -13.16
C THR B 109 -7.09 7.32 -13.25
N ALA B 110 -6.32 7.86 -14.21
CA ALA B 110 -4.94 7.38 -14.43
C ALA B 110 -4.03 7.54 -13.22
N ARG B 111 -4.06 8.68 -12.53
CA ARG B 111 -3.19 8.86 -11.38
C ARG B 111 -3.58 7.94 -10.22
N ASP B 112 -4.88 7.79 -9.96
CA ASP B 112 -5.32 6.93 -8.85
C ASP B 112 -5.03 5.47 -9.14
N LYS B 113 -5.26 5.06 -10.38
CA LYS B 113 -4.91 3.70 -10.82
C LYS B 113 -3.41 3.45 -10.66
N ALA B 114 -2.59 4.44 -10.99
CA ALA B 114 -1.13 4.24 -10.93
C ALA B 114 -0.67 4.06 -9.51
N LYS B 115 -1.29 4.79 -8.58
CA LYS B 115 -0.93 4.65 -7.17
C LYS B 115 -1.25 3.24 -6.64
N ALA B 116 -2.36 2.69 -7.10
CA ALA B 116 -2.73 1.33 -6.72
C ALA B 116 -1.80 0.32 -7.36
N ALA B 117 -1.46 0.57 -8.62
CA ALA B 117 -0.50 -0.29 -9.37
C ALA B 117 0.87 -0.31 -8.71
N ARG B 118 1.27 0.82 -8.14
CA ARG B 118 2.51 0.92 -7.39
C ARG B 118 2.49 0.00 -6.17
N TRP B 119 1.38 -0.01 -5.43
CA TRP B 119 1.27 -0.93 -4.29
C TRP B 119 1.29 -2.40 -4.75
N LEU B 120 0.58 -2.69 -5.84
CA LEU B 120 0.58 -4.04 -6.42
C LEU B 120 1.99 -4.44 -6.77
N ALA B 121 2.74 -3.54 -7.41
CA ALA B 121 4.14 -3.85 -7.78
C ALA B 121 5.03 -4.05 -6.55
N PHE B 122 4.86 -3.20 -5.55
CA PHE B 122 5.61 -3.36 -4.30
C PHE B 122 5.36 -4.75 -3.72
N PHE B 123 4.09 -5.12 -3.63
CA PHE B 123 3.72 -6.43 -3.07
C PHE B 123 4.26 -7.60 -3.91
N ASN B 124 4.12 -7.52 -5.23
CA ASN B 124 4.49 -8.62 -6.14
C ASN B 124 6.00 -8.71 -6.38
N SER B 125 6.69 -7.56 -6.50
CA SER B 125 8.10 -7.56 -6.88
CA SER B 125 8.10 -7.56 -6.88
C SER B 125 9.06 -7.48 -5.70
N ASP B 126 8.65 -6.80 -4.63
CA ASP B 126 9.51 -6.61 -3.46
C ASP B 126 9.14 -7.46 -2.25
N VAL B 127 7.87 -7.49 -1.89
CA VAL B 127 7.49 -8.16 -0.64
C VAL B 127 7.39 -9.70 -0.80
N HIS B 128 6.74 -10.13 -1.87
CA HIS B 128 6.51 -11.55 -2.11
C HIS B 128 7.84 -12.29 -2.03
N LYS B 129 8.90 -11.74 -2.61
CA LYS B 129 10.16 -12.49 -2.60
C LYS B 129 10.75 -12.70 -1.21
N SER B 130 10.39 -11.83 -0.26
CA SER B 130 10.88 -11.96 1.11
C SER B 130 10.38 -13.26 1.73
N PHE B 131 9.27 -13.78 1.22
CA PHE B 131 8.68 -15.01 1.75
C PHE B 131 9.40 -16.24 1.22
N VAL B 132 10.14 -16.10 0.13
CA VAL B 132 10.64 -17.29 -0.57
C VAL B 132 11.43 -18.24 0.35
N PRO B 133 12.40 -17.71 1.13
CA PRO B 133 13.15 -18.61 2.01
C PRO B 133 12.31 -19.31 3.09
N LEU B 134 11.13 -18.78 3.42
CA LEU B 134 10.25 -19.42 4.40
C LEU B 134 9.44 -20.57 3.81
N PHE B 135 9.19 -20.52 2.51
CA PHE B 135 8.46 -21.56 1.79
C PHE B 135 9.43 -22.65 1.31
N ARG B 136 10.63 -22.22 0.94
CA ARG B 136 11.66 -23.13 0.45
CA ARG B 136 11.66 -23.15 0.49
C ARG B 136 13.03 -22.66 0.92
N LEU B 137 13.56 -23.32 1.95
CA LEU B 137 14.85 -22.97 2.49
C LEU B 137 15.93 -23.05 1.39
N PRO B 138 16.83 -22.05 1.34
CA PRO B 138 17.94 -22.14 0.40
C PRO B 138 18.70 -23.45 0.57
N SER B 139 19.13 -24.06 -0.51
CA SER B 139 19.68 -25.42 -0.44
C SER B 139 20.92 -25.51 0.49
N TYR B 140 21.71 -24.45 0.50
CA TYR B 140 22.95 -24.39 1.25
C TYR B 140 22.76 -24.32 2.77
N ALA B 141 21.52 -24.15 3.23
CA ALA B 141 21.21 -24.14 4.67
C ALA B 141 20.62 -25.47 5.15
N GLU B 142 20.25 -26.34 4.22
CA GLU B 142 19.71 -27.67 4.55
C GLU B 142 20.68 -28.44 5.43
N GLY B 143 20.20 -28.90 6.58
CA GLY B 143 21.03 -29.62 7.55
C GLY B 143 21.89 -28.74 8.44
N ASN B 144 21.74 -27.43 8.33
CA ASN B 144 22.51 -26.51 9.13
C ASN B 144 21.54 -25.75 10.01
N GLU B 145 21.37 -26.24 11.23
CA GLU B 145 20.32 -25.79 12.15
C GLU B 145 20.45 -24.29 12.42
N THR B 146 21.68 -23.83 12.65
CA THR B 146 21.88 -22.42 13.02
C THR B 146 21.63 -21.48 11.85
N LEU B 147 22.13 -21.86 10.68
CA LEU B 147 21.95 -21.00 9.52
C LEU B 147 20.49 -20.94 9.13
N THR B 148 19.79 -22.08 9.26
CA THR B 148 18.38 -22.18 8.97
C THR B 148 17.60 -21.19 9.86
N LYS B 149 17.91 -21.17 11.16
CA LYS B 149 17.22 -20.25 12.06
CA LYS B 149 17.25 -20.25 12.09
C LYS B 149 17.52 -18.78 11.74
N THR B 150 18.77 -18.47 11.44
CA THR B 150 19.14 -17.11 11.04
C THR B 150 18.41 -16.64 9.75
N ILE B 151 18.38 -17.49 8.73
CA ILE B 151 17.69 -17.15 7.48
C ILE B 151 16.20 -16.88 7.71
N ARG B 152 15.55 -17.76 8.46
CA ARG B 152 14.12 -17.64 8.69
C ARG B 152 13.81 -16.37 9.49
N GLN B 153 14.61 -16.12 10.51
CA GLN B 153 14.48 -14.90 11.34
C GLN B 153 14.66 -13.64 10.50
N GLN B 154 15.70 -13.63 9.67
CA GLN B 154 16.00 -12.46 8.83
C GLN B 154 14.91 -12.22 7.80
N SER B 155 14.36 -13.30 7.26
CA SER B 155 13.28 -13.19 6.28
C SER B 155 12.04 -12.64 6.99
N ALA B 156 11.75 -13.16 8.18
CA ALA B 156 10.61 -12.69 8.97
C ALA B 156 10.73 -11.20 9.29
N GLU B 157 11.94 -10.78 9.69
CA GLU B 157 12.23 -9.34 9.93
C GLU B 157 12.01 -8.48 8.67
N GLN B 158 12.48 -8.97 7.52
CA GLN B 158 12.31 -8.24 6.26
C GLN B 158 10.84 -8.09 5.93
N ILE B 159 10.08 -9.17 6.05
CA ILE B 159 8.64 -9.12 5.79
C ILE B 159 7.97 -8.09 6.71
N LEU B 160 8.25 -8.17 8.01
CA LEU B 160 7.60 -7.24 8.96
C LEU B 160 7.95 -5.77 8.70
N GLU B 161 9.18 -5.51 8.25
CA GLU B 161 9.57 -4.14 7.90
C GLU B 161 8.79 -3.65 6.67
N GLN B 162 8.59 -4.54 5.71
CA GLN B 162 7.77 -4.19 4.55
C GLN B 162 6.28 -4.01 4.93
N LEU B 163 5.77 -4.89 5.79
CA LEU B 163 4.39 -4.78 6.23
C LEU B 163 4.17 -3.50 7.02
N ALA B 164 5.15 -3.11 7.83
CA ALA B 164 5.06 -1.83 8.56
C ALA B 164 4.84 -0.64 7.62
N PHE B 165 5.44 -0.69 6.43
CA PHE B 165 5.25 0.35 5.41
C PHE B 165 3.80 0.35 4.88
N ALA B 166 3.24 -0.83 4.67
CA ALA B 166 1.85 -0.98 4.26
C ALA B 166 0.93 -0.51 5.38
N ASN B 167 1.27 -0.88 6.61
CA ASN B 167 0.48 -0.47 7.78
C ASN B 167 0.39 1.05 7.90
N ALA B 168 1.53 1.73 7.68
CA ALA B 168 1.59 3.19 7.70
C ALA B 168 0.61 3.83 6.70
N HIS B 169 0.56 3.28 5.49
CA HIS B 169 -0.39 3.75 4.49
C HIS B 169 -1.83 3.65 5.00
N LEU B 170 -2.13 2.57 5.72
CA LEU B 170 -3.48 2.31 6.18
C LEU B 170 -3.83 3.23 7.38
N GLU B 171 -2.86 3.96 7.90
CA GLU B 171 -3.17 4.95 8.94
C GLU B 171 -4.06 6.08 8.48
N ASN B 172 -4.07 6.35 7.18
CA ASN B 172 -4.99 7.36 6.65
C ASN B 172 -5.59 7.01 5.28
N HIS B 173 -5.69 5.72 4.99
CA HIS B 173 -6.41 5.22 3.82
C HIS B 173 -7.07 3.91 4.16
N ILE B 174 -8.27 3.70 3.62
CA ILE B 174 -9.02 2.50 3.92
C ILE B 174 -8.51 1.30 3.11
N PHE B 175 -8.06 1.57 1.87
CA PHE B 175 -7.51 0.55 0.98
C PHE B 175 -6.29 1.07 0.23
N PHE B 176 -5.63 0.20 -0.54
CA PHE B 176 -4.51 0.57 -1.38
C PHE B 176 -4.91 1.10 -2.74
N GLY B 177 -6.20 1.04 -3.05
CA GLY B 177 -6.78 1.86 -4.11
C GLY B 177 -7.75 2.84 -3.43
N GLU B 178 -8.37 3.70 -4.23
CA GLU B 178 -9.39 4.62 -3.65
C GLU B 178 -10.54 3.77 -3.11
N GLU B 179 -10.97 2.82 -3.92
CA GLU B 179 -11.78 1.69 -3.49
C GLU B 179 -10.91 0.42 -3.52
N ILE B 180 -11.47 -0.70 -3.07
CA ILE B 180 -10.73 -1.95 -3.00
C ILE B 180 -10.14 -2.29 -4.35
N SER B 181 -8.92 -2.84 -4.36
CA SER B 181 -8.23 -3.10 -5.60
C SER B 181 -7.46 -4.39 -5.54
N VAL B 182 -6.93 -4.78 -6.70
CA VAL B 182 -6.01 -5.92 -6.81
C VAL B 182 -4.80 -5.81 -5.86
N ALA B 183 -4.37 -4.57 -5.54
CA ALA B 183 -3.32 -4.41 -4.56
C ALA B 183 -3.75 -4.87 -3.19
N ASP B 184 -4.98 -4.56 -2.78
CA ASP B 184 -5.51 -5.05 -1.51
C ASP B 184 -5.59 -6.59 -1.46
N ALA B 185 -6.01 -7.19 -2.56
CA ALA B 185 -6.05 -8.64 -2.69
C ALA B 185 -4.66 -9.25 -2.51
N TYR B 186 -3.62 -8.58 -3.03
CA TYR B 186 -2.27 -9.10 -2.91
C TYR B 186 -1.80 -9.04 -1.46
N LEU B 187 -1.97 -7.90 -0.79
CA LEU B 187 -1.56 -7.84 0.61
C LEU B 187 -2.34 -8.85 1.42
N TYR B 188 -3.64 -8.91 1.17
CA TYR B 188 -4.50 -9.83 1.91
C TYR B 188 -3.94 -11.26 1.89
N ILE B 189 -3.63 -11.77 0.70
CA ILE B 189 -3.19 -13.18 0.61
C ILE B 189 -1.82 -13.35 1.28
N MET B 190 -0.94 -12.36 1.17
CA MET B 190 0.31 -12.44 1.93
C MET B 190 0.12 -12.48 3.45
N LEU B 191 -0.86 -11.73 3.97
CA LEU B 191 -1.15 -11.78 5.39
C LEU B 191 -1.72 -13.15 5.74
N ASN B 192 -2.49 -13.73 4.83
CA ASN B 192 -2.95 -15.12 5.02
C ASN B 192 -1.76 -16.06 5.11
N TRP B 193 -0.78 -15.87 4.22
CA TRP B 193 0.49 -16.64 4.33
C TRP B 193 1.15 -16.47 5.68
N CYS B 194 1.18 -15.24 6.21
CA CYS B 194 1.77 -14.97 7.52
C CYS B 194 1.08 -15.79 8.61
N ARG B 195 -0.25 -15.79 8.59
CA ARG B 195 -1.03 -16.58 9.55
CA ARG B 195 -1.03 -16.56 9.55
C ARG B 195 -0.65 -18.05 9.42
N LEU B 196 -0.63 -18.57 8.20
CA LEU B 196 -0.33 -19.99 7.98
C LEU B 196 1.08 -20.40 8.37
N LEU B 197 2.00 -19.44 8.28
CA LEU B 197 3.40 -19.65 8.65
C LEU B 197 3.66 -19.41 10.14
N GLY B 198 2.70 -18.81 10.84
CA GLY B 198 2.94 -18.39 12.24
C GLY B 198 3.84 -17.17 12.41
N LEU B 199 3.78 -16.25 11.45
CA LEU B 199 4.51 -14.99 11.51
C LEU B 199 3.56 -13.90 12.04
N ASP B 200 3.80 -13.46 13.26
CA ASP B 200 2.87 -12.58 13.98
C ASP B 200 3.07 -11.12 13.54
N PHE B 201 2.00 -10.50 13.02
CA PHE B 201 2.04 -9.11 12.57
C PHE B 201 1.09 -8.22 13.37
N SER B 202 0.69 -8.71 14.53
CA SER B 202 -0.37 -8.09 15.32
C SER B 202 0.04 -6.76 15.93
N HIS B 203 1.34 -6.51 15.98
CA HIS B 203 1.86 -5.20 16.42
C HIS B 203 1.63 -4.09 15.39
N LEU B 204 1.29 -4.47 14.16
CA LEU B 204 0.97 -3.53 13.08
C LEU B 204 -0.54 -3.43 13.06
N SER B 205 -1.07 -2.45 13.79
CA SER B 205 -2.47 -2.49 14.19
C SER B 205 -3.51 -2.32 13.07
N GLN B 206 -3.14 -1.72 11.93
CA GLN B 206 -4.13 -1.55 10.86
C GLN B 206 -4.44 -2.85 10.10
N LEU B 207 -3.56 -3.84 10.23
CA LEU B 207 -3.61 -4.98 9.30
C LEU B 207 -4.77 -5.92 9.55
N SER B 208 -5.07 -6.24 10.82
CA SER B 208 -6.21 -7.12 11.12
C SER B 208 -7.53 -6.48 10.67
N ALA B 209 -7.71 -5.20 10.99
CA ALA B 209 -8.87 -4.49 10.52
C ALA B 209 -8.99 -4.48 8.98
N PHE B 210 -7.86 -4.25 8.31
CA PHE B 210 -7.80 -4.32 6.84
C PHE B 210 -8.26 -5.70 6.33
N MET B 211 -7.77 -6.77 6.94
CA MET B 211 -8.20 -8.12 6.50
C MET B 211 -9.71 -8.31 6.60
N GLN B 212 -10.30 -7.83 7.69
CA GLN B 212 -11.75 -7.91 7.84
C GLN B 212 -12.49 -7.15 6.73
N ARG B 213 -12.03 -5.94 6.41
CA ARG B 213 -12.62 -5.16 5.31
C ARG B 213 -12.52 -5.89 3.97
N VAL B 214 -11.36 -6.47 3.68
CA VAL B 214 -11.16 -7.17 2.43
C VAL B 214 -12.08 -8.41 2.33
N GLU B 215 -12.16 -9.15 3.44
CA GLU B 215 -13.01 -10.32 3.53
C GLU B 215 -14.50 -10.02 3.35
N ALA B 216 -14.90 -8.78 3.68
CA ALA B 216 -16.29 -8.35 3.49
C ALA B 216 -16.66 -8.13 2.03
N ASP B 217 -15.67 -8.01 1.16
CA ASP B 217 -15.95 -7.82 -0.27
C ASP B 217 -16.52 -9.08 -0.93
N GLN B 218 -17.58 -8.93 -1.72
CA GLN B 218 -18.28 -10.10 -2.26
C GLN B 218 -17.39 -10.94 -3.17
N GLY B 219 -16.56 -10.27 -3.97
CA GLY B 219 -15.70 -11.00 -4.88
C GLY B 219 -14.63 -11.77 -4.18
N VAL B 220 -14.04 -11.16 -3.15
CA VAL B 220 -13.03 -11.80 -2.32
C VAL B 220 -13.68 -13.01 -1.62
N ASP B 221 -14.88 -12.79 -1.10
CA ASP B 221 -15.59 -13.85 -0.38
C ASP B 221 -15.82 -15.05 -1.29
N ASN B 222 -16.28 -14.78 -2.52
CA ASN B 222 -16.52 -15.82 -3.49
C ASN B 222 -15.27 -16.60 -3.81
N VAL B 223 -14.16 -15.90 -4.03
CA VAL B 223 -12.94 -16.58 -4.35
C VAL B 223 -12.39 -17.37 -3.16
N ARG B 224 -12.48 -16.82 -1.96
CA ARG B 224 -12.05 -17.56 -0.76
C ARG B 224 -12.83 -18.88 -0.66
N GLU B 225 -14.13 -18.84 -0.96
CA GLU B 225 -14.95 -20.04 -0.97
C GLU B 225 -14.45 -21.06 -1.99
N GLN B 226 -14.27 -20.60 -3.23
CA GLN B 226 -13.84 -21.44 -4.34
C GLN B 226 -12.49 -22.10 -4.07
N GLU B 227 -11.60 -21.36 -3.39
CA GLU B 227 -10.23 -21.80 -3.18
C GLU B 227 -10.07 -22.50 -1.83
N GLY B 228 -11.17 -22.66 -1.10
CA GLY B 228 -11.16 -23.35 0.17
C GLY B 228 -10.44 -22.68 1.31
N LEU B 229 -10.39 -21.34 1.32
CA LEU B 229 -9.58 -20.61 2.29
C LEU B 229 -10.31 -20.23 3.59
N LYS B 230 -11.61 -20.48 3.68
CA LYS B 230 -12.32 -20.19 4.93
C LYS B 230 -12.01 -21.21 6.02
N GLY B 231 -12.16 -20.77 7.28
CA GLY B 231 -11.90 -21.63 8.43
C GLY B 231 -12.83 -21.32 9.59
N GLN C 21 -6.51 40.23 18.04
CA GLN C 21 -6.33 39.30 19.20
C GLN C 21 -6.67 37.86 18.81
N SER C 22 -6.37 36.92 19.70
CA SER C 22 -6.60 35.50 19.45
C SER C 22 -7.37 34.83 20.60
N MET C 23 -7.61 33.52 20.46
CA MET C 23 -8.58 32.80 21.29
C MET C 23 -7.92 32.06 22.45
N LYS C 24 -8.71 31.68 23.43
CA LYS C 24 -8.20 30.96 24.60
C LYS C 24 -9.18 29.87 25.08
N LEU C 25 -8.76 28.62 24.98
CA LEU C 25 -9.54 27.51 25.51
C LEU C 25 -9.09 27.20 26.93
N TYR C 26 -10.05 27.09 27.83
CA TYR C 26 -9.79 26.62 29.19
C TYR C 26 -10.19 25.15 29.25
N GLY C 27 -9.24 24.30 29.66
CA GLY C 27 -9.47 22.85 29.68
C GLY C 27 -8.86 22.12 30.87
N LEU C 28 -9.35 20.90 31.09
CA LEU C 28 -8.69 19.92 31.93
C LEU C 28 -8.01 18.94 30.98
N THR C 29 -6.70 18.76 31.14
CA THR C 29 -5.93 17.94 30.23
C THR C 29 -6.50 16.53 30.25
N GLY C 30 -6.71 15.96 29.06
CA GLY C 30 -7.24 14.60 28.93
C GLY C 30 -8.74 14.48 28.99
N ALA C 31 -9.41 15.56 29.35
CA ALA C 31 -10.87 15.60 29.47
C ALA C 31 -11.49 16.09 28.17
N CYS C 32 -12.81 16.23 28.16
CA CYS C 32 -13.57 16.54 26.94
C CYS C 32 -13.06 17.74 26.15
N SER C 33 -12.48 18.72 26.85
CA SER C 33 -11.92 19.92 26.18
C SER C 33 -10.78 19.58 25.21
N PHE C 34 -10.29 18.34 25.29
CA PHE C 34 -9.35 17.81 24.28
C PHE C 34 -9.86 18.07 22.85
N VAL C 35 -11.16 17.90 22.64
CA VAL C 35 -11.71 17.98 21.30
C VAL C 35 -11.63 19.36 20.67
N PRO C 36 -12.10 20.41 21.38
CA PRO C 36 -11.91 21.73 20.79
C PRO C 36 -10.44 22.12 20.75
N HIS C 37 -9.65 21.63 21.71
CA HIS C 37 -8.20 21.82 21.69
C HIS C 37 -7.66 21.29 20.37
N VAL C 38 -8.03 20.06 20.01
CA VAL C 38 -7.65 19.49 18.71
C VAL C 38 -8.19 20.33 17.54
N ALA C 39 -9.44 20.80 17.65
CA ALA C 39 -10.01 21.64 16.61
C ALA C 39 -9.23 22.95 16.45
N LEU C 40 -8.81 23.56 17.57
CA LEU C 40 -7.96 24.78 17.54
C LEU C 40 -6.58 24.52 16.99
N GLU C 41 -6.01 23.36 17.30
CA GLU C 41 -4.69 22.99 16.78
C GLU C 41 -4.78 22.72 15.27
N TRP C 42 -5.89 22.13 14.84
CA TRP C 42 -6.15 21.92 13.42
C TRP C 42 -6.31 23.27 12.72
N VAL C 43 -7.02 24.20 13.37
CA VAL C 43 -7.13 25.57 12.86
C VAL C 43 -5.77 26.28 12.79
N LYS C 44 -4.99 26.16 13.87
CA LYS C 44 -3.63 26.69 13.88
C LYS C 44 -2.77 26.15 12.75
N LEU C 45 -2.95 24.87 12.40
CA LEU C 45 -2.13 24.23 11.37
C LEU C 45 -2.66 24.42 9.94
N ARG C 46 -3.95 24.69 9.80
CA ARG C 46 -4.61 24.82 8.49
C ARG C 46 -5.06 26.26 8.15
N ALA C 47 -5.15 27.13 9.15
CA ALA C 47 -5.53 28.54 8.95
C ALA C 47 -4.56 29.56 9.57
N ASN C 48 -3.43 29.09 10.10
CA ASN C 48 -2.38 29.95 10.65
C ASN C 48 -2.78 30.77 11.88
N GLN C 49 -3.81 30.34 12.60
CA GLN C 49 -4.31 31.08 13.75
C GLN C 49 -3.90 30.44 15.08
N ASP C 50 -3.03 31.12 15.81
CA ASP C 50 -2.54 30.63 17.11
C ASP C 50 -3.64 30.73 18.16
N TYR C 51 -3.37 30.25 19.37
CA TYR C 51 -4.33 30.26 20.48
C TYR C 51 -3.63 29.92 21.78
N ALA C 52 -4.25 30.26 22.90
CA ALA C 52 -3.71 29.91 24.19
C ALA C 52 -4.53 28.77 24.76
N PHE C 53 -3.91 28.00 25.64
CA PHE C 53 -4.60 26.92 26.32
C PHE C 53 -4.16 26.95 27.78
N GLN C 54 -5.12 26.92 28.69
CA GLN C 54 -4.81 26.85 30.11
C GLN C 54 -5.37 25.58 30.72
N ALA C 55 -4.47 24.68 31.12
CA ALA C 55 -4.84 23.55 31.98
C ALA C 55 -5.22 24.11 33.35
N VAL C 56 -6.52 24.21 33.60
CA VAL C 56 -7.02 24.80 34.85
C VAL C 56 -6.87 23.88 36.05
N SER C 57 -6.85 24.45 37.24
CA SER C 57 -6.69 23.70 38.49
C SER C 57 -8.03 23.54 39.21
N ARG C 58 -8.02 22.74 40.28
CA ARG C 58 -9.20 22.60 41.16
C ARG C 58 -9.52 23.92 41.85
N GLU C 59 -8.48 24.71 42.12
CA GLU C 59 -8.63 26.05 42.72
C GLU C 59 -9.20 27.06 41.74
N PHE C 60 -8.67 27.07 40.51
CA PHE C 60 -9.04 28.07 39.51
C PHE C 60 -10.45 27.89 38.93
N ILE C 61 -10.88 26.65 38.75
CA ILE C 61 -12.16 26.35 38.09
C ILE C 61 -13.39 26.81 38.92
N LYS C 62 -13.22 26.89 40.23
CA LYS C 62 -14.28 27.38 41.13
C LYS C 62 -14.02 28.83 41.56
N SER C 63 -12.95 29.43 41.04
CA SER C 63 -12.56 30.80 41.41
C SER C 63 -13.61 31.84 40.97
N ALA C 64 -13.61 32.99 41.65
CA ALA C 64 -14.47 34.11 41.27
C ALA C 64 -14.12 34.64 39.88
N GLU C 65 -12.82 34.71 39.59
CA GLU C 65 -12.35 35.14 38.27
C GLU C 65 -12.93 34.26 37.14
N TYR C 66 -12.95 32.95 37.36
CA TYR C 66 -13.40 31.99 36.33
C TYR C 66 -14.93 31.86 36.23
N LEU C 67 -15.64 32.00 37.35
CA LEU C 67 -17.10 32.03 37.32
C LEU C 67 -17.60 33.32 36.62
N ALA C 68 -16.79 34.37 36.66
CA ALA C 68 -17.06 35.61 35.93
C ALA C 68 -17.09 35.42 34.41
N LEU C 69 -16.47 34.33 33.95
CA LEU C 69 -16.46 33.95 32.54
C LEU C 69 -17.51 32.86 32.24
N ASN C 70 -17.50 31.82 33.07
CA ASN C 70 -18.39 30.66 32.91
C ASN C 70 -19.08 30.32 34.24
N PRO C 71 -20.27 30.90 34.46
CA PRO C 71 -21.05 30.65 35.69
C PRO C 71 -21.27 29.17 36.03
N ARG C 72 -21.24 28.30 35.02
CA ARG C 72 -21.43 26.86 35.23
C ARG C 72 -20.23 26.17 35.89
N GLY C 73 -19.07 26.82 35.86
CA GLY C 73 -17.91 26.39 36.65
C GLY C 73 -17.19 25.18 36.07
N ASN C 74 -17.10 25.14 34.74
CA ASN C 74 -16.55 23.96 34.07
C ASN C 74 -15.95 24.23 32.69
N VAL C 75 -15.45 23.18 32.05
CA VAL C 75 -14.80 23.29 30.75
C VAL C 75 -15.48 22.37 29.74
N PRO C 76 -15.25 22.62 28.42
CA PRO C 76 -14.42 23.66 27.83
C PRO C 76 -15.00 25.03 28.01
N LEU C 77 -14.14 26.02 27.87
CA LEU C 77 -14.56 27.39 27.73
C LEU C 77 -13.71 28.03 26.64
N LEU C 78 -14.35 28.42 25.54
CA LEU C 78 -13.70 29.25 24.56
C LEU C 78 -13.91 30.68 25.05
N VAL C 79 -12.84 31.46 25.05
CA VAL C 79 -12.93 32.89 25.24
C VAL C 79 -12.30 33.54 24.03
N ASP C 80 -13.15 34.15 23.20
CA ASP C 80 -12.74 34.92 22.04
C ASP C 80 -13.08 36.35 22.46
N GLY C 81 -12.06 37.13 22.83
CA GLY C 81 -12.29 38.46 23.41
C GLY C 81 -13.65 38.61 24.07
N ASP C 82 -14.63 39.05 23.28
CA ASP C 82 -15.95 39.41 23.80
C ASP C 82 -16.84 38.20 24.06
N LEU C 83 -16.61 37.12 23.32
CA LEU C 83 -17.45 35.92 23.36
C LEU C 83 -16.85 34.84 24.27
N ALA C 84 -17.57 34.52 25.34
CA ALA C 84 -17.25 33.39 26.21
C ALA C 84 -18.20 32.24 25.87
N LEU C 85 -17.76 31.38 24.96
CA LEU C 85 -18.60 30.31 24.40
C LEU C 85 -18.28 28.98 25.07
N THR C 86 -19.28 28.36 25.67
CA THR C 86 -19.15 27.02 26.22
C THR C 86 -19.69 26.01 25.21
N GLN C 87 -19.65 24.73 25.59
CA GLN C 87 -20.24 23.62 24.85
C GLN C 87 -19.41 23.14 23.64
N ASN C 88 -18.85 21.94 23.80
CA ASN C 88 -18.04 21.32 22.75
C ASN C 88 -18.65 21.44 21.37
N GLN C 89 -19.93 21.05 21.24
CA GLN C 89 -20.56 21.07 19.92
C GLN C 89 -20.71 22.50 19.38
N ALA C 90 -21.06 23.45 20.25
CA ALA C 90 -21.16 24.83 19.79
C ALA C 90 -19.79 25.35 19.38
N ILE C 91 -18.77 25.10 20.22
CA ILE C 91 -17.40 25.56 19.92
C ILE C 91 -16.92 25.06 18.55
N VAL C 92 -17.05 23.77 18.27
CA VAL C 92 -16.54 23.25 16.99
C VAL C 92 -17.44 23.57 15.79
N HIS C 93 -18.75 23.71 15.99
CA HIS C 93 -19.62 24.16 14.90
C HIS C 93 -19.34 25.65 14.58
N TYR C 94 -18.95 26.40 15.61
CA TYR C 94 -18.54 27.81 15.45
C TYR C 94 -17.18 27.90 14.75
N LEU C 95 -16.14 27.33 15.35
CA LEU C 95 -14.81 27.30 14.71
C LEU C 95 -14.91 26.88 13.26
N ASP C 96 -15.80 25.93 12.98
CA ASP C 96 -16.04 25.47 11.63
C ASP C 96 -16.54 26.59 10.74
N GLU C 97 -17.60 27.29 11.16
CA GLU C 97 -18.18 28.32 10.30
C GLU C 97 -17.18 29.45 10.00
N LEU C 98 -16.38 29.82 11.01
CA LEU C 98 -15.33 30.85 10.83
C LEU C 98 -14.23 30.41 9.87
N TYR C 99 -13.82 29.14 9.94
CA TYR C 99 -12.81 28.58 9.04
C TYR C 99 -13.35 27.33 8.35
N PRO C 100 -14.25 27.50 7.37
CA PRO C 100 -14.84 26.32 6.69
C PRO C 100 -13.83 25.48 5.91
N GLU C 101 -12.64 26.04 5.66
CA GLU C 101 -11.63 25.37 4.85
CA GLU C 101 -11.61 25.39 4.85
C GLU C 101 -10.90 24.28 5.62
N ALA C 102 -10.89 24.37 6.95
CA ALA C 102 -10.19 23.40 7.80
C ALA C 102 -10.87 22.02 7.89
N LYS C 103 -12.07 21.88 7.35
CA LYS C 103 -12.76 20.57 7.26
C LYS C 103 -12.85 19.86 8.62
N LEU C 104 -13.24 20.62 9.65
CA LEU C 104 -13.30 20.08 11.02
C LEU C 104 -14.28 18.91 11.15
N PHE C 105 -15.28 18.86 10.29
CA PHE C 105 -16.24 17.75 10.27
C PHE C 105 -15.93 16.73 9.18
N GLY C 106 -14.69 16.76 8.68
CA GLY C 106 -14.19 15.72 7.79
C GLY C 106 -14.68 15.78 6.36
N SER C 107 -15.33 16.88 6.00
CA SER C 107 -15.89 17.02 4.67
C SER C 107 -16.30 18.47 4.43
N LYS C 108 -16.59 18.78 3.17
CA LYS C 108 -16.94 20.12 2.75
C LYS C 108 -18.45 20.27 2.54
N THR C 109 -19.14 19.15 2.28
CA THR C 109 -20.56 19.19 1.92
C THR C 109 -21.47 18.92 3.11
N ALA C 110 -22.59 19.65 3.14
CA ALA C 110 -23.56 19.56 4.23
C ALA C 110 -24.02 18.14 4.50
N ARG C 111 -24.18 17.35 3.45
CA ARG C 111 -24.69 15.99 3.57
C ARG C 111 -23.77 15.12 4.42
N ASP C 112 -22.47 15.22 4.16
CA ASP C 112 -21.44 14.40 4.84
C ASP C 112 -21.09 14.93 6.22
N LYS C 113 -21.09 16.26 6.38
CA LYS C 113 -20.86 16.89 7.67
C LYS C 113 -21.90 16.47 8.71
N ALA C 114 -23.14 16.29 8.28
CA ALA C 114 -24.23 15.92 9.17
C ALA C 114 -24.04 14.51 9.73
N LYS C 115 -23.61 13.59 8.89
CA LYS C 115 -23.29 12.25 9.39
C LYS C 115 -22.18 12.33 10.45
N ALA C 116 -21.20 13.19 10.22
CA ALA C 116 -20.10 13.38 11.18
C ALA C 116 -20.58 14.12 12.43
N ALA C 117 -21.44 15.11 12.23
CA ALA C 117 -22.04 15.85 13.35
C ALA C 117 -22.89 14.94 14.22
N ARG C 118 -23.57 13.99 13.58
CA ARG C 118 -24.34 12.97 14.29
CA ARG C 118 -24.33 12.95 14.27
C ARG C 118 -23.45 12.18 15.23
N TRP C 119 -22.29 11.73 14.76
CA TRP C 119 -21.40 10.97 15.61
C TRP C 119 -20.89 11.84 16.75
N LEU C 120 -20.49 13.07 16.44
CA LEU C 120 -20.07 14.01 17.47
C LEU C 120 -21.16 14.17 18.53
N ALA C 121 -22.40 14.37 18.09
CA ALA C 121 -23.52 14.49 19.02
C ALA C 121 -23.77 13.22 19.85
N PHE C 122 -23.73 12.07 19.19
CA PHE C 122 -23.83 10.80 19.91
C PHE C 122 -22.74 10.72 20.97
N PHE C 123 -21.49 10.97 20.60
CA PHE C 123 -20.40 10.96 21.56
C PHE C 123 -20.57 11.99 22.66
N ASN C 124 -20.90 13.23 22.30
CA ASN C 124 -20.98 14.32 23.29
C ASN C 124 -22.22 14.24 24.20
N SER C 125 -23.37 13.92 23.64
CA SER C 125 -24.63 13.99 24.40
CA SER C 125 -24.63 14.00 24.39
C SER C 125 -24.99 12.70 25.13
N ASP C 126 -24.72 11.56 24.50
CA ASP C 126 -25.10 10.26 25.08
C ASP C 126 -23.94 9.50 25.70
N VAL C 127 -22.94 9.18 24.89
CA VAL C 127 -21.86 8.29 25.34
C VAL C 127 -21.11 8.92 26.51
N HIS C 128 -20.81 10.22 26.41
CA HIS C 128 -20.13 10.94 27.49
C HIS C 128 -20.91 10.86 28.82
N LYS C 129 -22.22 10.67 28.76
CA LYS C 129 -23.02 10.42 29.98
C LYS C 129 -23.10 8.93 30.33
N SER C 130 -22.88 8.03 29.37
CA SER C 130 -22.67 6.62 29.72
C SER C 130 -21.50 6.53 30.73
N PHE C 131 -20.53 7.46 30.60
CA PHE C 131 -19.31 7.50 31.43
C PHE C 131 -19.46 8.21 32.77
N VAL C 132 -20.47 9.04 32.95
CA VAL C 132 -20.56 9.86 34.18
C VAL C 132 -20.93 9.09 35.47
N PRO C 133 -21.61 7.91 35.34
CA PRO C 133 -21.71 7.04 36.53
C PRO C 133 -20.46 6.19 36.83
N LEU C 134 -19.49 6.15 35.92
CA LEU C 134 -18.18 5.54 36.17
C LEU C 134 -17.17 6.59 36.63
N PHE C 135 -17.20 7.77 36.00
CA PHE C 135 -16.32 8.88 36.36
C PHE C 135 -16.72 9.53 37.69
N ARG C 136 -18.01 9.41 38.05
CA ARG C 136 -18.50 9.94 39.31
C ARG C 136 -19.89 9.37 39.61
N GLY C 143 -25.31 4.27 46.32
CA GLY C 143 -24.96 2.93 46.77
C GLY C 143 -23.47 2.75 47.05
N ASN C 144 -23.13 2.63 48.34
CA ASN C 144 -21.72 2.50 48.77
C ASN C 144 -21.17 1.09 48.56
N GLU C 145 -22.00 0.08 48.82
CA GLU C 145 -21.54 -1.31 48.88
C GLU C 145 -22.06 -2.17 47.72
N THR C 146 -23.26 -2.72 47.88
CA THR C 146 -23.77 -3.76 46.97
C THR C 146 -24.06 -3.26 45.55
N LEU C 147 -24.75 -2.12 45.44
CA LEU C 147 -25.17 -1.58 44.14
C LEU C 147 -24.01 -1.07 43.29
N THR C 148 -22.92 -0.67 43.93
CA THR C 148 -21.74 -0.18 43.22
C THR C 148 -21.26 -1.19 42.16
N LYS C 149 -21.43 -2.49 42.39
CA LYS C 149 -21.03 -3.52 41.43
C LYS C 149 -21.92 -3.57 40.17
N THR C 150 -23.23 -3.35 40.36
CA THR C 150 -24.21 -3.46 39.27
C THR C 150 -24.30 -2.20 38.39
N ILE C 151 -24.10 -1.02 38.99
CA ILE C 151 -24.13 0.26 38.24
C ILE C 151 -22.97 0.40 37.26
N ARG C 152 -21.82 -0.18 37.64
CA ARG C 152 -20.61 -0.12 36.81
C ARG C 152 -20.77 -1.04 35.61
N GLN C 153 -21.22 -2.25 35.88
CA GLN C 153 -21.39 -3.28 34.85
C GLN C 153 -22.46 -2.88 33.83
N GLN C 154 -23.51 -2.19 34.28
CA GLN C 154 -24.55 -1.69 33.36
C GLN C 154 -24.06 -0.51 32.51
N SER C 155 -23.38 0.45 33.13
CA SER C 155 -22.84 1.61 32.41
C SER C 155 -21.72 1.18 31.45
N ALA C 156 -20.88 0.25 31.91
CA ALA C 156 -19.79 -0.29 31.09
C ALA C 156 -20.32 -1.15 29.92
N GLU C 157 -21.51 -1.72 30.10
CA GLU C 157 -22.12 -2.57 29.07
C GLU C 157 -22.72 -1.70 27.97
N GLN C 158 -23.38 -0.62 28.39
CA GLN C 158 -23.98 0.34 27.46
C GLN C 158 -22.89 1.04 26.63
N ILE C 159 -21.78 1.37 27.29
CA ILE C 159 -20.61 1.91 26.58
C ILE C 159 -20.22 1.00 25.42
N LEU C 160 -20.04 -0.30 25.70
CA LEU C 160 -19.66 -1.28 24.68
C LEU C 160 -20.69 -1.40 23.56
N GLU C 161 -21.97 -1.41 23.94
CA GLU C 161 -23.08 -1.48 22.99
C GLU C 161 -23.04 -0.25 22.09
N GLN C 162 -22.66 0.87 22.69
CA GLN C 162 -22.44 2.11 21.94
C GLN C 162 -21.17 2.03 21.07
N LEU C 163 -20.09 1.55 21.66
CA LEU C 163 -18.84 1.40 20.91
C LEU C 163 -18.96 0.40 19.77
N ALA C 164 -19.79 -0.63 19.96
CA ALA C 164 -20.01 -1.64 18.93
C ALA C 164 -20.66 -1.03 17.71
N PHE C 165 -21.61 -0.13 17.97
CA PHE C 165 -22.30 0.63 16.94
C PHE C 165 -21.34 1.58 16.25
N ALA C 166 -20.45 2.18 17.03
CA ALA C 166 -19.36 3.01 16.50
C ALA C 166 -18.40 2.13 15.68
N ASN C 167 -18.00 1.04 16.30
CA ASN C 167 -17.22 -0.02 15.63
C ASN C 167 -17.78 -0.42 14.27
N ALA C 168 -19.07 -0.75 14.22
CA ALA C 168 -19.68 -1.23 12.98
C ALA C 168 -19.53 -0.23 11.86
N HIS C 169 -19.53 1.06 12.22
CA HIS C 169 -19.39 2.13 11.23
C HIS C 169 -18.04 2.07 10.50
N LEU C 170 -17.00 1.72 11.24
CA LEU C 170 -15.62 1.78 10.72
C LEU C 170 -15.28 0.62 9.79
N GLU C 171 -16.18 -0.34 9.68
CA GLU C 171 -15.97 -1.47 8.78
C GLU C 171 -15.97 -1.00 7.31
N ASN C 172 -16.71 0.06 7.02
CA ASN C 172 -16.80 0.61 5.66
C ASN C 172 -16.16 1.98 5.49
N HIS C 173 -15.61 2.53 6.59
CA HIS C 173 -15.11 3.90 6.62
C HIS C 173 -13.89 3.99 7.54
N ILE C 174 -12.93 4.80 7.13
CA ILE C 174 -11.72 5.00 7.91
C ILE C 174 -12.01 5.84 9.19
N PHE C 175 -12.92 6.80 9.04
CA PHE C 175 -13.22 7.76 10.12
C PHE C 175 -14.71 8.00 10.26
N PHE C 176 -15.07 8.81 11.25
CA PHE C 176 -16.46 9.15 11.49
C PHE C 176 -16.91 10.34 10.67
N GLY C 177 -15.95 11.02 10.05
CA GLY C 177 -16.18 11.85 8.88
C GLY C 177 -15.64 11.10 7.67
N GLU C 178 -15.56 11.76 6.53
CA GLU C 178 -14.92 11.14 5.36
C GLU C 178 -13.40 11.22 5.51
N GLU C 179 -12.90 12.39 5.92
CA GLU C 179 -11.54 12.54 6.44
C GLU C 179 -11.67 12.68 7.96
N ILE C 180 -10.52 12.65 8.65
CA ILE C 180 -10.53 12.69 10.11
C ILE C 180 -11.27 13.94 10.61
N SER C 181 -12.09 13.77 11.64
CA SER C 181 -12.98 14.86 12.11
C SER C 181 -12.98 15.05 13.64
N VAL C 182 -13.70 16.08 14.08
CA VAL C 182 -13.88 16.30 15.51
C VAL C 182 -14.59 15.13 16.19
N ALA C 183 -15.46 14.42 15.46
CA ALA C 183 -16.11 13.23 16.00
C ALA C 183 -15.09 12.15 16.32
N ASP C 184 -14.08 12.02 15.45
CA ASP C 184 -12.99 11.09 15.66
C ASP C 184 -12.17 11.48 16.89
N ALA C 185 -11.86 12.77 17.01
CA ALA C 185 -11.16 13.23 18.22
C ALA C 185 -11.93 12.91 19.50
N TYR C 186 -13.26 13.04 19.46
CA TYR C 186 -14.10 12.80 20.63
C TYR C 186 -14.08 11.33 21.01
N LEU C 187 -14.31 10.44 20.04
CA LEU C 187 -14.24 9.00 20.36
C LEU C 187 -12.85 8.66 20.88
N TYR C 188 -11.82 9.21 20.25
CA TYR C 188 -10.44 8.95 20.65
C TYR C 188 -10.24 9.20 22.12
N ILE C 189 -10.66 10.38 22.60
CA ILE C 189 -10.37 10.74 23.98
C ILE C 189 -11.19 9.92 24.99
N MET C 190 -12.37 9.47 24.59
CA MET C 190 -13.16 8.55 25.41
C MET C 190 -12.61 7.11 25.38
N LEU C 191 -12.10 6.68 24.23
CA LEU C 191 -11.41 5.37 24.15
C LEU C 191 -10.17 5.39 25.03
N ASN C 192 -9.58 6.57 25.21
CA ASN C 192 -8.50 6.77 26.17
C ASN C 192 -9.02 6.47 27.57
N TRP C 193 -10.15 7.08 27.93
CA TRP C 193 -10.79 6.85 29.23
C TRP C 193 -11.09 5.34 29.44
N CYS C 194 -11.65 4.67 28.43
CA CYS C 194 -11.86 3.21 28.51
C CYS C 194 -10.60 2.41 28.87
N ARG C 195 -9.50 2.76 28.19
CA ARG C 195 -8.19 2.14 28.44
C ARG C 195 -7.72 2.46 29.86
N LEU C 196 -7.95 3.70 30.28
CA LEU C 196 -7.51 4.18 31.59
C LEU C 196 -8.33 3.59 32.75
N LEU C 197 -9.48 3.01 32.45
CA LEU C 197 -10.29 2.32 33.47
C LEU C 197 -10.41 0.80 33.23
N GLY C 198 -9.61 0.27 32.31
CA GLY C 198 -9.54 -1.18 32.07
C GLY C 198 -10.76 -1.76 31.39
N LEU C 199 -11.49 -0.93 30.65
CA LEU C 199 -12.65 -1.40 29.91
C LEU C 199 -12.15 -1.91 28.55
N ASP C 200 -12.08 -3.23 28.41
CA ASP C 200 -11.47 -3.82 27.20
C ASP C 200 -12.47 -3.84 26.05
N PHE C 201 -12.12 -3.17 24.94
CA PHE C 201 -12.97 -3.10 23.74
C PHE C 201 -12.32 -3.92 22.60
N SER C 202 -11.49 -4.87 23.00
CA SER C 202 -10.68 -5.65 22.05
C SER C 202 -11.50 -6.53 21.11
N HIS C 203 -12.76 -6.80 21.46
CA HIS C 203 -13.68 -7.51 20.56
C HIS C 203 -14.19 -6.62 19.41
N LEU C 204 -13.88 -5.32 19.46
CA LEU C 204 -14.26 -4.40 18.39
C LEU C 204 -13.09 -4.23 17.41
N SER C 205 -13.10 -5.07 16.38
CA SER C 205 -11.92 -5.27 15.55
C SER C 205 -11.44 -4.07 14.72
N GLN C 206 -12.19 -2.98 14.69
CA GLN C 206 -11.71 -1.79 13.98
C GLN C 206 -11.17 -0.68 14.92
N LEU C 207 -11.36 -0.82 16.25
CA LEU C 207 -11.10 0.29 17.22
C LEU C 207 -9.66 0.59 17.64
N SER C 208 -8.86 -0.46 17.82
CA SER C 208 -7.47 -0.29 18.23
C SER C 208 -6.74 0.40 17.09
N ALA C 209 -7.00 -0.10 15.87
CA ALA C 209 -6.49 0.52 14.65
C ALA C 209 -6.95 1.97 14.56
N PHE C 210 -8.20 2.20 14.94
CA PHE C 210 -8.79 3.56 14.91
C PHE C 210 -7.98 4.52 15.79
N MET C 211 -7.68 4.12 17.01
CA MET C 211 -6.90 4.96 17.90
C MET C 211 -5.55 5.32 17.28
N GLN C 212 -4.90 4.38 16.60
CA GLN C 212 -3.61 4.69 16.02
C GLN C 212 -3.74 5.58 14.79
N ARG C 213 -4.86 5.50 14.08
CA ARG C 213 -5.11 6.41 12.96
C ARG C 213 -5.25 7.83 13.50
N VAL C 214 -5.98 7.96 14.59
CA VAL C 214 -6.18 9.30 15.16
C VAL C 214 -4.84 9.84 15.69
N GLU C 215 -4.11 9.00 16.42
CA GLU C 215 -2.78 9.39 16.94
C GLU C 215 -1.75 9.74 15.85
N ALA C 216 -1.99 9.28 14.62
CA ALA C 216 -1.06 9.54 13.51
C ALA C 216 -1.24 10.94 12.92
N ASP C 217 -2.38 11.58 13.21
CA ASP C 217 -2.61 12.96 12.81
C ASP C 217 -1.69 13.91 13.60
N GLN C 218 -1.08 14.86 12.90
CA GLN C 218 -0.15 15.81 13.49
C GLN C 218 -0.83 16.73 14.51
N GLY C 219 -2.02 17.23 14.16
CA GLY C 219 -2.83 18.06 15.06
C GLY C 219 -3.01 17.33 16.38
N VAL C 220 -3.48 16.09 16.28
CA VAL C 220 -3.72 15.27 17.45
C VAL C 220 -2.43 15.08 18.22
N ASP C 221 -1.34 14.80 17.51
CA ASP C 221 -0.07 14.55 18.16
C ASP C 221 0.45 15.79 18.89
N ASN C 222 0.29 16.97 18.29
CA ASN C 222 0.64 18.25 18.94
C ASN C 222 -0.16 18.50 20.21
N VAL C 223 -1.45 18.18 20.17
CA VAL C 223 -2.28 18.37 21.34
C VAL C 223 -1.95 17.36 22.43
N ARG C 224 -1.72 16.10 22.05
CA ARG C 224 -1.40 15.09 23.06
C ARG C 224 -0.12 15.46 23.83
N GLU C 225 0.84 16.07 23.14
CA GLU C 225 2.10 16.46 23.75
C GLU C 225 1.86 17.55 24.80
N GLN C 226 1.26 18.65 24.36
CA GLN C 226 0.89 19.77 25.24
C GLN C 226 0.16 19.34 26.51
N GLU C 227 -0.86 18.49 26.36
CA GLU C 227 -1.67 18.05 27.49
C GLU C 227 -1.01 16.95 28.34
N GLY C 228 0.16 16.45 27.93
CA GLY C 228 0.88 15.47 28.73
C GLY C 228 0.24 14.09 28.67
N LEU C 229 -0.33 13.75 27.53
CA LEU C 229 -1.02 12.48 27.35
C LEU C 229 -0.09 11.42 26.79
N LYS C 230 1.16 11.80 26.53
CA LYS C 230 2.21 10.85 26.15
C LYS C 230 2.79 10.20 27.41
N GLY C 231 3.09 11.01 28.41
CA GLY C 231 3.61 10.52 29.69
C GLY C 231 5.08 10.15 29.58
#